data_9EZ3
#
_entry.id   9EZ3
#
_cell.length_a   74.587
_cell.length_b   74.587
_cell.length_c   97.035
_cell.angle_alpha   90.00
_cell.angle_beta   90.00
_cell.angle_gamma   90.00
#
_symmetry.space_group_name_H-M   'P 41'
#
loop_
_entity.id
_entity.type
_entity.pdbx_description
1 polymer 'Dual specificity protein kinase CLK3'
2 non-polymer 'SULFATE ION'
3 non-polymer 1-(5-~{tert}-butyl-2-quinolin-6-yl-pyrazol-3-yl)-3-[3-(4-morpholin-4-yl-7~{H}-pyrrolo[2,3-d]pyrimidin-5-yl)phenyl]urea
#
_entity_poly.entity_id   1
_entity_poly.type   'polypeptide(L)'
_entity_poly.pdbx_seq_one_letter_code
;SMQSSKRSSRSVEDDKEGHLVCRIGDWLQERYEIVGNLGEGTFGKVVECLDHARGKSQVALKIIRNVGKYREAARLEINV
LKKIKEKDKENKFLCVLMSDWFNFHGHMCIAFELLGKNTFEFLKENNFQPYPLPHVRHMAYQLCHALRFLHENQLTHTDL
KPENILFVNSEFETLYNEHKSCEEKSVKNTSIRVADFGSATFDHEHHTTIVATRHYRPPEVILELGWAQPCDVWSIGCIL
FEYYRGFTLFQTHENREHLVMMEKILGPIPSHMIHRTRKQKYFYKGGLVWDENSSDGRYVKENCKPLKSYMLQDSLEHVQ
LFDLMRRMLEFDPAQRITLAEALLHPFFAGLTPEERSFHT
;
_entity_poly.pdbx_strand_id   A
#
# COMPACT_ATOMS: atom_id res chain seq x y z
N VAL A 12 7.17 -17.51 -30.78
CA VAL A 12 8.11 -17.44 -29.62
C VAL A 12 9.44 -16.85 -30.09
N GLU A 13 9.80 -15.69 -29.52
CA GLU A 13 11.07 -15.05 -29.81
C GLU A 13 11.53 -14.27 -28.58
N ASP A 14 12.82 -14.43 -28.23
CA ASP A 14 13.40 -13.82 -27.04
C ASP A 14 14.53 -12.89 -27.43
N ASP A 15 14.64 -11.76 -26.69
CA ASP A 15 15.75 -10.84 -26.82
C ASP A 15 16.81 -11.19 -25.77
N LYS A 16 17.95 -10.50 -25.83
CA LYS A 16 19.12 -10.82 -25.02
C LYS A 16 18.95 -10.32 -23.59
N GLU A 17 17.95 -9.46 -23.34
CA GLU A 17 17.53 -9.13 -21.98
C GLU A 17 16.62 -10.24 -21.43
N GLY A 18 16.31 -11.23 -22.29
CA GLY A 18 15.61 -12.44 -21.88
C GLY A 18 14.12 -12.40 -22.23
N HIS A 19 13.51 -11.21 -22.13
CA HIS A 19 12.07 -11.02 -22.04
C HIS A 19 11.34 -11.53 -23.29
N LEU A 20 10.01 -11.66 -23.18
CA LEU A 20 9.16 -12.21 -24.23
C LEU A 20 8.61 -11.07 -25.10
N VAL A 21 8.66 -11.29 -26.42
CA VAL A 21 8.06 -10.39 -27.40
C VAL A 21 6.65 -10.88 -27.70
N CYS A 22 5.63 -10.15 -27.22
CA CYS A 22 4.23 -10.48 -27.47
C CYS A 22 3.50 -9.29 -28.06
N ARG A 23 2.39 -9.57 -28.77
CA ARG A 23 1.66 -8.56 -29.51
C ARG A 23 0.18 -8.68 -29.16
N ILE A 24 -0.52 -7.54 -29.07
CA ILE A 24 -1.96 -7.53 -28.83
C ILE A 24 -2.64 -8.42 -29.87
N GLY A 25 -3.38 -9.43 -29.40
CA GLY A 25 -3.94 -10.45 -30.29
C GLY A 25 -3.21 -11.79 -30.25
N ASP A 26 -2.08 -11.83 -29.54
CA ASP A 26 -1.38 -13.13 -29.36
C ASP A 26 -2.19 -13.94 -28.34
N TRP A 27 -2.09 -15.27 -28.42
CA TRP A 27 -2.91 -16.14 -27.53
C TRP A 27 -1.99 -16.95 -26.63
N LEU A 28 -2.41 -17.16 -25.39
CA LEU A 28 -1.60 -17.97 -24.44
C LEU A 28 -2.47 -19.11 -23.90
N GLN A 29 -1.88 -20.29 -23.73
CA GLN A 29 -2.61 -21.47 -23.19
C GLN A 29 -3.98 -21.58 -23.89
N GLU A 30 -4.02 -21.28 -25.19
CA GLU A 30 -5.28 -21.40 -25.97
C GLU A 30 -6.49 -20.98 -25.13
N ARG A 31 -6.37 -19.93 -24.32
CA ARG A 31 -7.55 -19.42 -23.58
C ARG A 31 -7.31 -17.95 -23.25
N TYR A 32 -6.06 -17.50 -23.34
CA TYR A 32 -5.78 -16.11 -22.92
C TYR A 32 -5.48 -15.25 -24.13
N GLU A 33 -6.38 -14.33 -24.44
CA GLU A 33 -6.17 -13.39 -25.58
C GLU A 33 -5.71 -12.04 -25.04
N ILE A 34 -4.46 -11.66 -25.33
CA ILE A 34 -3.98 -10.37 -24.86
C ILE A 34 -4.77 -9.25 -25.53
N VAL A 35 -5.23 -8.26 -24.75
CA VAL A 35 -6.00 -7.15 -25.29
C VAL A 35 -5.44 -5.79 -24.88
N GLY A 36 -4.52 -5.71 -23.91
CA GLY A 36 -4.06 -4.42 -23.40
C GLY A 36 -2.70 -4.55 -22.72
N ASN A 37 -2.25 -3.47 -22.07
CA ASN A 37 -1.03 -3.53 -21.29
C ASN A 37 -1.27 -2.81 -19.98
N LEU A 38 -0.77 -3.34 -18.86
CA LEU A 38 -1.11 -2.79 -17.56
C LEU A 38 0.15 -2.43 -16.77
N GLY A 39 1.33 -2.86 -17.21
CA GLY A 39 2.53 -2.56 -16.44
C GLY A 39 3.78 -3.21 -17.03
N GLU A 40 4.93 -2.83 -16.45
CA GLU A 40 6.21 -3.49 -16.64
C GLU A 40 7.08 -3.22 -15.42
N GLY A 41 8.21 -3.92 -15.33
CA GLY A 41 9.09 -3.84 -14.19
C GLY A 41 10.32 -4.72 -14.39
N THR A 42 11.12 -4.85 -13.31
CA THR A 42 12.37 -5.60 -13.31
C THR A 42 12.22 -6.97 -13.99
N PHE A 43 11.12 -7.67 -13.66
CA PHE A 43 10.88 -9.08 -13.95
C PHE A 43 10.24 -9.33 -15.32
N GLY A 44 9.47 -8.36 -15.84
CA GLY A 44 8.81 -8.51 -17.13
C GLY A 44 7.54 -7.66 -17.26
N LYS A 45 6.64 -8.10 -18.16
CA LYS A 45 5.40 -7.41 -18.50
C LYS A 45 4.26 -7.79 -17.53
N VAL A 46 3.13 -7.09 -17.67
CA VAL A 46 1.89 -7.40 -16.98
C VAL A 46 0.73 -7.02 -17.89
N VAL A 47 0.18 -7.96 -18.65
CA VAL A 47 -0.77 -7.60 -19.69
C VAL A 47 -2.19 -7.93 -19.23
N GLU A 48 -3.16 -7.43 -20.00
CA GLU A 48 -4.57 -7.71 -19.77
C GLU A 48 -4.97 -8.75 -20.81
N CYS A 49 -5.70 -9.78 -20.35
CA CYS A 49 -6.31 -10.73 -21.25
C CYS A 49 -7.77 -10.92 -20.93
N LEU A 50 -8.48 -11.49 -21.91
CA LEU A 50 -9.79 -12.08 -21.75
C LEU A 50 -9.60 -13.58 -21.73
N ASP A 51 -10.20 -14.23 -20.73
CA ASP A 51 -10.05 -15.66 -20.53
C ASP A 51 -11.17 -16.35 -21.30
N HIS A 52 -10.82 -16.95 -22.45
CA HIS A 52 -11.82 -17.54 -23.32
C HIS A 52 -12.38 -18.82 -22.70
N ALA A 53 -11.57 -19.56 -21.93
CA ALA A 53 -12.08 -20.70 -21.18
C ALA A 53 -13.19 -20.25 -20.24
N ARG A 54 -12.83 -19.47 -19.21
CA ARG A 54 -13.78 -19.04 -18.20
C ARG A 54 -14.73 -17.98 -18.77
N GLY A 55 -14.80 -17.88 -20.10
CA GLY A 55 -15.94 -17.24 -20.76
C GLY A 55 -15.80 -15.72 -20.86
N LYS A 56 -14.83 -15.27 -21.68
CA LYS A 56 -14.69 -13.89 -22.13
C LYS A 56 -14.19 -12.96 -21.00
N SER A 57 -14.13 -13.45 -19.76
CA SER A 57 -13.91 -12.59 -18.60
C SER A 57 -12.46 -12.15 -18.48
N GLN A 58 -12.21 -11.13 -17.64
CA GLN A 58 -11.00 -10.31 -17.71
C GLN A 58 -10.00 -10.63 -16.61
N VAL A 59 -8.71 -10.68 -16.97
CA VAL A 59 -7.66 -11.05 -16.03
C VAL A 59 -6.44 -10.19 -16.24
N ALA A 60 -5.61 -10.18 -15.20
CA ALA A 60 -4.28 -9.63 -15.27
C ALA A 60 -3.28 -10.77 -15.33
N LEU A 61 -2.26 -10.65 -16.18
CA LEU A 61 -1.34 -11.75 -16.41
C LEU A 61 0.11 -11.26 -16.33
N LYS A 62 0.71 -11.41 -15.17
CA LYS A 62 2.15 -11.05 -15.02
C LYS A 62 2.97 -12.09 -15.78
N ILE A 63 3.76 -11.66 -16.75
CA ILE A 63 4.61 -12.61 -17.55
C ILE A 63 6.06 -12.47 -17.08
N ILE A 64 6.70 -13.59 -16.77
CA ILE A 64 8.11 -13.60 -16.29
C ILE A 64 8.87 -14.56 -17.20
N ARG A 65 9.67 -14.07 -18.16
CA ARG A 65 10.29 -15.00 -19.14
C ARG A 65 11.78 -15.25 -18.88
N ASN A 66 12.21 -16.50 -19.01
CA ASN A 66 13.63 -16.91 -18.85
C ASN A 66 14.29 -16.16 -17.70
N VAL A 67 15.50 -15.64 -17.93
CA VAL A 67 16.27 -14.90 -16.88
C VAL A 67 16.71 -15.86 -15.77
N GLY A 68 15.78 -16.55 -15.12
CA GLY A 68 16.13 -17.51 -14.07
C GLY A 68 15.71 -17.02 -12.70
N LYS A 69 16.49 -16.13 -12.08
CA LYS A 69 16.06 -15.55 -10.78
C LYS A 69 14.59 -15.20 -10.94
N TYR A 70 14.23 -14.53 -12.03
CA TYR A 70 12.81 -14.25 -12.32
C TYR A 70 12.00 -15.53 -12.13
N ARG A 71 12.24 -16.51 -12.99
CA ARG A 71 11.47 -17.77 -12.93
C ARG A 71 11.42 -18.25 -11.48
N GLU A 72 12.57 -18.30 -10.81
CA GLU A 72 12.63 -18.81 -9.41
C GLU A 72 11.69 -17.99 -8.54
N ALA A 73 11.78 -16.66 -8.62
CA ALA A 73 10.94 -15.81 -7.76
C ALA A 73 9.48 -15.95 -8.15
N ALA A 74 9.21 -16.16 -9.44
CA ALA A 74 7.82 -16.36 -9.88
C ALA A 74 7.25 -17.57 -9.14
N ARG A 75 8.05 -18.63 -9.06
CA ARG A 75 7.59 -19.86 -8.36
C ARG A 75 7.28 -19.49 -6.91
N LEU A 76 8.17 -18.73 -6.28
CA LEU A 76 7.95 -18.33 -4.87
C LEU A 76 6.64 -17.55 -4.76
N GLU A 77 6.43 -16.60 -5.66
CA GLU A 77 5.15 -15.85 -5.66
C GLU A 77 4.00 -16.86 -5.74
N ILE A 78 4.02 -17.72 -6.76
CA ILE A 78 2.88 -18.67 -6.95
C ILE A 78 2.65 -19.40 -5.64
N ASN A 79 3.72 -19.90 -5.04
CA ASN A 79 3.60 -20.63 -3.76
C ASN A 79 2.94 -19.72 -2.72
N VAL A 80 3.43 -18.49 -2.59
CA VAL A 80 2.87 -17.60 -1.58
C VAL A 80 1.37 -17.53 -1.77
N LEU A 81 0.96 -17.24 -3.01
CA LEU A 81 -0.44 -17.09 -3.39
C LEU A 81 -1.19 -18.42 -3.27
N LYS A 82 -0.52 -19.56 -3.55
CA LYS A 82 -1.15 -20.86 -3.34
C LYS A 82 -1.56 -20.97 -1.87
N LYS A 83 -0.61 -20.62 -0.99
CA LYS A 83 -0.76 -20.79 0.45
C LYS A 83 -1.85 -19.85 0.98
N ILE A 84 -1.92 -18.65 0.43
CA ILE A 84 -2.98 -17.72 0.81
C ILE A 84 -4.38 -18.26 0.47
N LYS A 85 -4.54 -18.99 -0.64
CA LYS A 85 -5.82 -19.58 -0.99
C LYS A 85 -6.17 -20.71 -0.03
N GLU A 86 -5.24 -21.67 0.12
CA GLU A 86 -5.43 -22.79 1.01
C GLU A 86 -5.86 -22.29 2.39
N LYS A 87 -5.19 -21.23 2.90
CA LYS A 87 -5.41 -20.77 4.25
C LYS A 87 -6.64 -19.85 4.28
N ASP A 88 -7.15 -19.45 3.10
CA ASP A 88 -8.37 -18.66 3.02
C ASP A 88 -9.45 -19.45 2.28
N LYS A 89 -10.43 -19.97 3.04
CA LYS A 89 -11.51 -20.74 2.42
C LYS A 89 -12.31 -19.81 1.50
N GLU A 90 -12.97 -18.82 2.09
CA GLU A 90 -14.11 -18.15 1.47
C GLU A 90 -13.71 -16.88 0.72
N ASN A 91 -12.41 -16.73 0.38
CA ASN A 91 -11.93 -15.55 -0.34
C ASN A 91 -11.92 -14.32 0.56
N LYS A 92 -12.15 -14.52 1.87
CA LYS A 92 -12.72 -13.49 2.73
C LYS A 92 -11.66 -12.61 3.39
N PHE A 93 -10.39 -12.69 2.94
CA PHE A 93 -9.30 -11.98 3.62
C PHE A 93 -8.65 -10.95 2.70
N LEU A 94 -9.24 -10.73 1.51
CA LEU A 94 -9.04 -9.46 0.84
C LEU A 94 -7.61 -9.36 0.30
N CYS A 95 -7.04 -10.48 -0.09
CA CYS A 95 -5.82 -10.44 -0.86
C CYS A 95 -6.17 -10.78 -2.30
N VAL A 96 -5.25 -10.43 -3.17
CA VAL A 96 -5.47 -10.55 -4.59
C VAL A 96 -5.47 -12.03 -4.87
N LEU A 97 -6.30 -12.48 -5.82
CA LEU A 97 -6.59 -13.91 -5.93
C LEU A 97 -6.07 -14.44 -7.27
N MET A 98 -5.14 -15.40 -7.16
CA MET A 98 -4.53 -16.01 -8.31
C MET A 98 -5.54 -16.99 -8.89
N SER A 99 -5.92 -16.79 -10.15
CA SER A 99 -6.91 -17.64 -10.80
C SER A 99 -6.20 -18.69 -11.63
N ASP A 100 -4.95 -18.44 -12.05
CA ASP A 100 -4.23 -19.41 -12.85
C ASP A 100 -2.74 -19.11 -12.75
N TRP A 101 -1.92 -20.11 -13.09
CA TRP A 101 -0.52 -19.91 -13.41
C TRP A 101 -0.08 -21.05 -14.31
N PHE A 102 0.99 -20.83 -15.10
CA PHE A 102 1.47 -21.85 -16.02
C PHE A 102 2.91 -21.53 -16.45
N ASN A 103 3.42 -22.38 -17.35
CA ASN A 103 4.78 -22.27 -17.86
C ASN A 103 4.70 -22.32 -19.38
N PHE A 104 5.43 -21.41 -20.01
CA PHE A 104 5.21 -21.09 -21.41
C PHE A 104 6.57 -20.76 -22.03
N HIS A 105 7.26 -21.80 -22.50
CA HIS A 105 8.57 -21.66 -23.09
C HIS A 105 9.49 -20.94 -22.10
N GLY A 106 9.44 -21.36 -20.83
CA GLY A 106 10.29 -20.81 -19.78
C GLY A 106 9.62 -19.67 -19.01
N HIS A 107 8.59 -19.06 -19.62
CA HIS A 107 7.98 -17.85 -19.11
C HIS A 107 6.88 -18.22 -18.12
N MET A 108 7.12 -17.95 -16.83
CA MET A 108 6.11 -18.20 -15.83
C MET A 108 5.06 -17.11 -15.95
N CYS A 109 3.79 -17.50 -15.86
CA CYS A 109 2.69 -16.56 -15.98
C CYS A 109 1.71 -16.76 -14.84
N ILE A 110 1.06 -15.68 -14.41
CA ILE A 110 0.21 -15.74 -13.25
C ILE A 110 -1.00 -14.88 -13.56
N ALA A 111 -2.18 -15.51 -13.55
CA ALA A 111 -3.41 -14.83 -13.90
C ALA A 111 -4.11 -14.44 -12.62
N PHE A 112 -4.75 -13.28 -12.63
CA PHE A 112 -5.56 -12.79 -11.53
C PHE A 112 -6.85 -12.21 -12.06
N GLU A 113 -7.91 -12.23 -11.26
CA GLU A 113 -9.09 -11.44 -11.58
C GLU A 113 -8.64 -10.00 -11.78
N LEU A 114 -9.13 -9.32 -12.83
CA LEU A 114 -8.78 -7.93 -13.04
C LEU A 114 -9.65 -7.05 -12.16
N LEU A 115 -9.03 -6.38 -11.19
CA LEU A 115 -9.72 -5.42 -10.35
C LEU A 115 -9.61 -4.02 -10.96
N GLY A 116 -10.01 -3.00 -10.20
CA GLY A 116 -10.08 -1.64 -10.73
C GLY A 116 -8.83 -0.84 -10.44
N LYS A 117 -8.97 0.49 -10.52
CA LYS A 117 -7.90 1.40 -10.18
C LYS A 117 -7.48 1.19 -8.73
N ASN A 118 -6.18 1.38 -8.49
CA ASN A 118 -5.68 1.37 -7.12
C ASN A 118 -5.99 2.72 -6.45
N THR A 119 -5.80 2.74 -5.13
CA THR A 119 -6.32 3.80 -4.27
C THR A 119 -5.54 5.09 -4.56
N PHE A 120 -4.35 4.96 -5.14
CA PHE A 120 -3.58 6.13 -5.51
C PHE A 120 -4.10 6.77 -6.79
N GLU A 121 -4.12 5.96 -7.85
CA GLU A 121 -4.67 6.36 -9.15
C GLU A 121 -6.02 7.05 -8.93
N PHE A 122 -6.92 6.39 -8.18
CA PHE A 122 -8.26 6.92 -7.99
C PHE A 122 -8.15 8.31 -7.37
N LEU A 123 -7.24 8.45 -6.42
CA LEU A 123 -7.02 9.72 -5.77
C LEU A 123 -6.49 10.75 -6.76
N LYS A 124 -5.53 10.37 -7.62
CA LYS A 124 -4.98 11.23 -8.66
C LYS A 124 -6.08 11.65 -9.63
N GLU A 125 -6.99 10.74 -9.98
CA GLU A 125 -8.09 11.04 -10.90
C GLU A 125 -9.09 12.00 -10.24
N ASN A 126 -9.02 12.14 -8.92
CA ASN A 126 -9.95 12.98 -8.17
C ASN A 126 -9.25 14.26 -7.77
N ASN A 127 -8.10 14.53 -8.39
CA ASN A 127 -7.31 15.74 -8.19
C ASN A 127 -6.84 15.84 -6.74
N PHE A 128 -6.54 14.69 -6.13
CA PHE A 128 -6.02 14.64 -4.78
C PHE A 128 -7.01 15.21 -3.76
N GLN A 129 -8.30 15.17 -4.11
CA GLN A 129 -9.33 15.42 -3.12
C GLN A 129 -9.48 14.19 -2.23
N PRO A 130 -9.28 14.35 -0.91
CA PRO A 130 -9.19 13.21 -0.01
C PRO A 130 -10.48 12.40 -0.03
N TYR A 131 -10.39 11.11 0.33
CA TYR A 131 -11.58 10.29 0.46
C TYR A 131 -12.32 10.70 1.74
N PRO A 132 -13.66 10.58 1.76
CA PRO A 132 -14.44 10.95 2.95
C PRO A 132 -14.20 9.94 4.09
N LEU A 133 -14.45 10.38 5.33
CA LEU A 133 -13.99 9.68 6.52
C LEU A 133 -14.57 8.26 6.53
N PRO A 134 -15.85 8.04 6.18
CA PRO A 134 -16.38 6.68 6.04
C PRO A 134 -15.64 5.77 5.07
N HIS A 135 -15.18 6.32 3.95
CA HIS A 135 -14.40 5.48 3.03
C HIS A 135 -13.07 5.12 3.69
N VAL A 136 -12.45 6.11 4.33
CA VAL A 136 -11.21 5.87 5.07
C VAL A 136 -11.44 4.71 6.04
N ARG A 137 -12.48 4.89 6.86
CA ARG A 137 -12.80 3.94 7.90
C ARG A 137 -12.91 2.55 7.29
N HIS A 138 -13.68 2.42 6.20
CA HIS A 138 -13.92 1.11 5.59
C HIS A 138 -12.63 0.54 5.01
N MET A 139 -11.83 1.40 4.38
CA MET A 139 -10.64 0.90 3.72
C MET A 139 -9.67 0.41 4.78
N ALA A 140 -9.49 1.22 5.82
CA ALA A 140 -8.64 0.92 6.97
C ALA A 140 -9.02 -0.41 7.60
N TYR A 141 -10.31 -0.65 7.77
CA TYR A 141 -10.77 -1.85 8.41
C TYR A 141 -10.30 -3.05 7.60
N GLN A 142 -10.34 -2.93 6.27
CA GLN A 142 -10.00 -4.06 5.41
C GLN A 142 -8.49 -4.25 5.36
N LEU A 143 -7.73 -3.15 5.28
CA LEU A 143 -6.27 -3.23 5.36
C LEU A 143 -5.81 -3.92 6.66
N CYS A 144 -6.48 -3.63 7.78
CA CYS A 144 -6.10 -4.21 9.05
C CYS A 144 -6.40 -5.71 9.05
N HIS A 145 -7.65 -6.06 8.77
CA HIS A 145 -8.10 -7.43 8.57
C HIS A 145 -7.11 -8.18 7.67
N ALA A 146 -6.76 -7.60 6.52
CA ALA A 146 -5.96 -8.30 5.52
C ALA A 146 -4.54 -8.57 6.04
N LEU A 147 -3.93 -7.59 6.70
CA LEU A 147 -2.56 -7.74 7.14
C LEU A 147 -2.49 -8.49 8.47
N ARG A 148 -3.59 -8.50 9.26
CA ARG A 148 -3.71 -9.39 10.41
C ARG A 148 -3.60 -10.84 9.93
N PHE A 149 -4.37 -11.17 8.87
CA PHE A 149 -4.43 -12.50 8.30
C PHE A 149 -3.07 -12.93 7.78
N LEU A 150 -2.36 -11.97 7.25
CA LEU A 150 -1.08 -12.22 6.63
C LEU A 150 -0.04 -12.37 7.74
N HIS A 151 -0.12 -11.51 8.76
CA HIS A 151 0.82 -11.54 9.88
C HIS A 151 0.70 -12.85 10.66
N GLU A 152 -0.54 -13.35 10.82
CA GLU A 152 -0.82 -14.59 11.51
C GLU A 152 -0.20 -15.78 10.76
N ASN A 153 -0.09 -15.69 9.43
CA ASN A 153 0.51 -16.76 8.65
C ASN A 153 1.97 -16.47 8.37
N GLN A 154 2.64 -15.86 9.36
CA GLN A 154 4.05 -15.50 9.28
C GLN A 154 4.36 -14.92 7.91
N LEU A 155 3.65 -13.84 7.56
CA LEU A 155 3.89 -13.09 6.32
C LEU A 155 3.86 -11.58 6.62
N THR A 156 4.70 -10.83 5.90
CA THR A 156 4.85 -9.40 6.10
C THR A 156 5.00 -8.75 4.73
N HIS A 157 4.16 -7.75 4.43
CA HIS A 157 4.16 -7.15 3.11
C HIS A 157 5.48 -6.39 2.90
N THR A 158 5.74 -5.46 3.83
CA THR A 158 6.94 -4.62 3.85
C THR A 158 6.92 -3.49 2.82
N ASP A 159 6.18 -3.62 1.71
CA ASP A 159 6.07 -2.55 0.73
C ASP A 159 4.62 -2.10 0.60
N LEU A 160 3.90 -2.03 1.71
CA LEU A 160 2.56 -1.45 1.65
C LEU A 160 2.62 -0.01 1.15
N LYS A 161 1.66 0.34 0.28
CA LYS A 161 1.50 1.69 -0.25
C LYS A 161 0.22 1.74 -1.07
N PRO A 162 -0.36 2.94 -1.29
CA PRO A 162 -1.66 3.06 -1.94
C PRO A 162 -1.78 2.35 -3.29
N GLU A 163 -0.66 2.31 -4.02
CA GLU A 163 -0.65 1.70 -5.32
C GLU A 163 -0.85 0.19 -5.22
N ASN A 164 -0.52 -0.40 -4.07
CA ASN A 164 -0.68 -1.82 -3.84
C ASN A 164 -2.05 -2.19 -3.30
N ILE A 165 -2.93 -1.21 -3.04
CA ILE A 165 -4.31 -1.47 -2.66
C ILE A 165 -5.19 -1.21 -3.88
N LEU A 166 -5.94 -2.22 -4.33
CA LEU A 166 -6.74 -2.10 -5.54
C LEU A 166 -8.22 -2.12 -5.17
N PHE A 167 -9.03 -1.29 -5.82
CA PHE A 167 -10.47 -1.36 -5.65
C PHE A 167 -11.00 -2.52 -6.47
N VAL A 168 -11.97 -3.25 -5.92
CA VAL A 168 -12.63 -4.26 -6.72
C VAL A 168 -13.28 -3.56 -7.90
N ASN A 169 -14.02 -2.49 -7.58
CA ASN A 169 -14.67 -1.68 -8.59
C ASN A 169 -14.43 -0.20 -8.26
N SER A 170 -13.75 0.49 -9.18
CA SER A 170 -13.36 1.87 -8.99
C SER A 170 -14.33 2.83 -9.70
N GLU A 171 -15.51 2.32 -10.06
CA GLU A 171 -16.61 3.16 -10.52
C GLU A 171 -17.03 4.13 -9.42
N PHE A 172 -17.42 5.34 -9.84
CA PHE A 172 -17.71 6.42 -8.91
C PHE A 172 -19.06 7.04 -9.26
N GLU A 173 -19.66 7.66 -8.24
CA GLU A 173 -20.78 8.57 -8.43
C GLU A 173 -20.26 9.99 -8.19
N THR A 174 -19.99 10.71 -9.28
CA THR A 174 -19.63 12.12 -9.22
C THR A 174 -20.79 12.88 -8.58
N LEU A 175 -20.46 13.71 -7.57
CA LEU A 175 -21.43 14.39 -6.74
C LEU A 175 -20.72 15.56 -6.05
N TYR A 176 -21.23 16.78 -6.25
CA TYR A 176 -20.59 17.98 -5.73
C TYR A 176 -21.53 19.18 -5.89
N ASN A 177 -22.08 19.64 -4.77
CA ASN A 177 -22.94 20.83 -4.75
C ASN A 177 -22.54 21.69 -3.54
N GLU A 178 -22.94 22.97 -3.60
CA GLU A 178 -22.75 23.95 -2.54
C GLU A 178 -21.27 24.34 -2.40
N HIS A 179 -20.40 23.39 -2.03
CA HIS A 179 -18.97 23.66 -1.86
C HIS A 179 -18.45 24.49 -3.05
N LYS A 180 -17.70 25.55 -2.75
CA LYS A 180 -17.41 26.64 -3.67
C LYS A 180 -17.03 26.09 -5.05
N SER A 181 -15.99 25.26 -5.07
CA SER A 181 -15.57 24.55 -6.28
C SER A 181 -15.76 23.05 -6.06
N CYS A 182 -17.01 22.66 -5.76
CA CYS A 182 -17.34 21.26 -5.52
C CYS A 182 -17.32 20.48 -6.83
N GLU A 183 -16.46 19.46 -6.89
CA GLU A 183 -16.31 18.61 -8.05
C GLU A 183 -15.59 17.32 -7.62
N GLU A 184 -16.31 16.41 -6.96
CA GLU A 184 -15.68 15.29 -6.28
C GLU A 184 -16.24 13.99 -6.83
N LYS A 185 -15.45 12.92 -6.75
CA LYS A 185 -15.93 11.60 -7.12
C LYS A 185 -15.90 10.73 -5.85
N SER A 186 -17.06 10.24 -5.43
CA SER A 186 -17.14 9.17 -4.46
C SER A 186 -17.15 7.82 -5.20
N VAL A 187 -16.25 6.91 -4.83
CA VAL A 187 -16.28 5.59 -5.43
C VAL A 187 -17.51 4.85 -4.90
N LYS A 188 -18.17 4.09 -5.78
CA LYS A 188 -19.46 3.49 -5.48
C LYS A 188 -19.31 2.40 -4.43
N ASN A 189 -18.19 1.65 -4.53
CA ASN A 189 -17.95 0.53 -3.65
C ASN A 189 -16.50 0.54 -3.20
N THR A 190 -16.29 0.81 -1.91
CA THR A 190 -14.97 0.92 -1.28
C THR A 190 -14.35 -0.41 -0.85
N SER A 191 -14.78 -1.53 -1.42
CA SER A 191 -14.10 -2.79 -1.14
C SER A 191 -12.71 -2.77 -1.78
N ILE A 192 -11.69 -3.26 -1.05
CA ILE A 192 -10.35 -3.29 -1.60
C ILE A 192 -9.74 -4.68 -1.54
N ARG A 193 -8.65 -4.85 -2.29
CA ARG A 193 -7.81 -6.02 -2.23
C ARG A 193 -6.35 -5.58 -2.13
N VAL A 194 -5.56 -6.35 -1.38
CA VAL A 194 -4.15 -6.11 -1.23
C VAL A 194 -3.35 -6.93 -2.23
N ALA A 195 -2.45 -6.24 -2.94
CA ALA A 195 -1.60 -6.78 -3.96
C ALA A 195 -0.15 -6.39 -3.65
N ASP A 196 0.79 -6.84 -4.49
CA ASP A 196 2.20 -6.47 -4.35
C ASP A 196 2.87 -6.61 -5.72
N PHE A 197 3.25 -5.49 -6.32
CA PHE A 197 3.76 -5.47 -7.68
C PHE A 197 5.12 -6.19 -7.78
N GLY A 198 5.91 -6.16 -6.70
CA GLY A 198 7.21 -6.83 -6.66
C GLY A 198 8.29 -6.03 -7.37
N ILE A 210 17.02 -1.58 1.41
CA ILE A 210 15.98 -0.78 2.15
C ILE A 210 14.59 -1.30 1.77
N VAL A 211 13.84 -1.80 2.77
CA VAL A 211 12.45 -2.19 2.58
C VAL A 211 11.59 -0.92 2.57
N ALA A 212 10.36 -1.09 2.06
CA ALA A 212 9.35 -0.05 2.01
C ALA A 212 9.67 0.97 0.92
N THR A 213 8.67 1.77 0.54
CA THR A 213 8.88 2.98 -0.25
C THR A 213 9.00 4.13 0.74
N ARG A 214 9.80 5.14 0.36
CA ARG A 214 10.21 6.23 1.25
C ARG A 214 9.08 6.61 2.21
N HIS A 215 7.99 7.13 1.66
CA HIS A 215 6.98 7.80 2.43
C HIS A 215 6.25 6.89 3.44
N TYR A 216 6.43 5.57 3.32
CA TYR A 216 5.66 4.63 4.13
C TYR A 216 6.64 3.85 5.01
N ARG A 217 7.92 4.16 4.82
CA ARG A 217 9.01 3.52 5.53
C ARG A 217 9.02 3.99 6.99
N PRO A 218 9.06 3.04 7.97
CA PRO A 218 9.12 3.36 9.40
C PRO A 218 10.53 3.64 9.89
N PRO A 219 10.69 4.24 11.09
CA PRO A 219 11.98 4.76 11.52
C PRO A 219 12.99 3.66 11.82
N GLU A 220 12.52 2.46 12.18
CA GLU A 220 13.43 1.36 12.49
C GLU A 220 14.12 0.86 11.21
N VAL A 221 13.48 1.05 10.07
CA VAL A 221 14.09 0.66 8.81
C VAL A 221 15.04 1.77 8.39
N ILE A 222 14.61 3.03 8.54
CA ILE A 222 15.46 4.17 8.26
C ILE A 222 16.73 4.06 9.05
N LEU A 223 16.64 3.62 10.31
CA LEU A 223 17.78 3.59 11.21
C LEU A 223 18.47 2.23 11.19
N GLU A 224 17.94 1.30 10.40
CA GLU A 224 18.55 0.00 10.17
C GLU A 224 18.58 -0.81 11.45
N LEU A 225 17.43 -0.98 12.10
CA LEU A 225 17.41 -1.65 13.39
C LEU A 225 16.75 -3.01 13.32
N GLY A 226 16.48 -3.47 12.09
CA GLY A 226 15.63 -4.63 11.92
C GLY A 226 14.17 -4.21 11.92
N TRP A 227 13.37 -4.96 11.17
CA TRP A 227 11.95 -4.78 11.07
C TRP A 227 11.25 -6.13 11.27
N ALA A 228 9.94 -6.02 11.51
CA ALA A 228 9.03 -7.14 11.57
C ALA A 228 7.64 -6.62 11.25
N GLN A 229 6.59 -7.42 11.52
CA GLN A 229 5.20 -7.03 11.35
C GLN A 229 4.92 -5.55 11.67
N PRO A 230 5.36 -4.98 12.81
CA PRO A 230 5.08 -3.57 13.07
C PRO A 230 5.42 -2.58 11.96
N CYS A 231 6.25 -2.99 10.98
CA CYS A 231 6.56 -2.21 9.78
C CYS A 231 5.28 -1.92 8.98
N ASP A 232 4.44 -2.95 8.79
CA ASP A 232 3.21 -2.83 8.04
C ASP A 232 2.25 -1.87 8.74
N VAL A 233 2.23 -1.86 10.05
CA VAL A 233 1.29 -1.02 10.77
C VAL A 233 1.65 0.45 10.56
N TRP A 234 2.95 0.77 10.67
CA TRP A 234 3.40 2.13 10.45
C TRP A 234 2.94 2.62 9.08
N SER A 235 3.14 1.78 8.06
CA SER A 235 2.79 2.13 6.71
C SER A 235 1.28 2.39 6.64
N ILE A 236 0.51 1.49 7.22
CA ILE A 236 -0.94 1.67 7.22
C ILE A 236 -1.28 3.03 7.77
N GLY A 237 -0.74 3.34 8.93
CA GLY A 237 -0.79 4.67 9.50
C GLY A 237 -0.56 5.78 8.47
N CYS A 238 0.53 5.64 7.71
CA CYS A 238 0.87 6.65 6.72
C CYS A 238 -0.20 6.69 5.64
N ILE A 239 -0.64 5.53 5.21
CA ILE A 239 -1.61 5.43 4.12
C ILE A 239 -2.95 6.06 4.52
N LEU A 240 -3.46 5.74 5.71
CA LEU A 240 -4.69 6.33 6.17
C LEU A 240 -4.62 7.86 6.10
N PHE A 241 -3.51 8.44 6.57
CA PHE A 241 -3.36 9.89 6.52
C PHE A 241 -3.57 10.41 5.11
N GLU A 242 -2.90 9.75 4.14
CA GLU A 242 -2.97 10.12 2.73
C GLU A 242 -4.40 10.01 2.20
N TYR A 243 -5.13 8.94 2.52
CA TYR A 243 -6.51 8.84 2.10
C TYR A 243 -7.34 10.00 2.69
N TYR A 244 -6.95 10.43 3.88
CA TYR A 244 -7.73 11.42 4.61
C TYR A 244 -7.39 12.85 4.17
N ARG A 245 -6.12 13.15 3.85
CA ARG A 245 -5.78 14.52 3.45
C ARG A 245 -5.55 14.64 1.95
N GLY A 246 -5.30 13.52 1.27
CA GLY A 246 -5.04 13.53 -0.16
C GLY A 246 -3.55 13.64 -0.47
N PHE A 247 -2.76 14.10 0.50
CA PHE A 247 -1.32 14.22 0.32
C PHE A 247 -0.59 13.32 1.33
N THR A 248 0.70 13.10 1.09
CA THR A 248 1.47 12.20 1.93
C THR A 248 1.90 12.94 3.19
N LEU A 249 2.10 12.17 4.25
CA LEU A 249 2.35 12.69 5.58
C LEU A 249 3.80 13.13 5.76
N PHE A 250 4.70 12.41 5.12
CA PHE A 250 6.12 12.71 5.04
C PHE A 250 6.48 13.03 3.59
N GLN A 251 6.54 14.32 3.25
CA GLN A 251 6.81 14.73 1.89
C GLN A 251 8.28 15.08 1.77
N THR A 252 9.10 14.05 1.53
CA THR A 252 10.54 14.12 1.64
C THR A 252 11.15 12.95 0.88
N HIS A 253 12.46 13.01 0.64
CA HIS A 253 13.19 12.02 -0.13
C HIS A 253 14.52 11.64 0.53
N GLU A 254 14.76 12.13 1.74
CA GLU A 254 16.04 11.96 2.40
C GLU A 254 15.76 11.64 3.86
N ASN A 255 16.58 10.76 4.47
CA ASN A 255 16.38 10.27 5.83
C ASN A 255 16.34 11.37 6.88
N ARG A 256 17.34 12.27 6.89
CA ARG A 256 17.47 13.25 7.96
C ARG A 256 16.21 14.09 8.05
N GLU A 257 15.86 14.70 6.91
CA GLU A 257 14.62 15.45 6.78
C GLU A 257 13.47 14.59 7.30
N HIS A 258 13.45 13.32 6.89
CA HIS A 258 12.36 12.42 7.23
C HIS A 258 12.25 12.21 8.75
N LEU A 259 13.37 11.91 9.40
CA LEU A 259 13.37 11.83 10.86
C LEU A 259 13.00 13.19 11.46
N VAL A 260 13.55 14.30 10.96
CA VAL A 260 13.19 15.56 11.56
C VAL A 260 11.67 15.72 11.47
N MET A 261 11.10 15.30 10.35
CA MET A 261 9.68 15.47 10.12
C MET A 261 8.88 14.63 11.11
N MET A 262 9.31 13.39 11.30
CA MET A 262 8.78 12.52 12.31
C MET A 262 8.77 13.23 13.66
N GLU A 263 9.87 13.88 14.03
CA GLU A 263 9.97 14.49 15.35
C GLU A 263 8.98 15.65 15.50
N LYS A 264 8.74 16.44 14.45
CA LYS A 264 7.87 17.60 14.56
C LYS A 264 6.40 17.21 14.43
N ILE A 265 6.12 16.14 13.70
CA ILE A 265 4.73 15.74 13.56
C ILE A 265 4.27 14.87 14.72
N LEU A 266 5.19 14.05 15.26
CA LEU A 266 4.87 12.98 16.19
C LEU A 266 5.51 13.17 17.57
N GLY A 267 6.68 13.79 17.65
CA GLY A 267 7.37 14.02 18.92
C GLY A 267 8.74 13.34 18.95
N PRO A 268 9.47 13.38 20.08
CA PRO A 268 10.87 12.96 20.10
C PRO A 268 11.04 11.46 19.90
N ILE A 269 12.26 11.07 19.54
CA ILE A 269 12.58 9.68 19.24
C ILE A 269 13.21 9.04 20.48
N PRO A 270 12.75 7.85 20.88
CA PRO A 270 13.34 7.19 22.05
C PRO A 270 14.86 7.09 22.00
N SER A 271 15.49 7.51 23.11
CA SER A 271 16.92 7.33 23.36
C SER A 271 17.37 5.94 22.92
N HIS A 272 16.52 4.94 23.16
CA HIS A 272 16.98 3.58 23.00
C HIS A 272 17.22 3.29 21.52
N MET A 273 16.49 3.96 20.63
CA MET A 273 16.60 3.71 19.21
C MET A 273 17.77 4.50 18.62
N ILE A 274 18.16 5.59 19.29
CA ILE A 274 19.30 6.38 18.88
C ILE A 274 20.59 5.69 19.31
N HIS A 275 20.61 5.08 20.50
CA HIS A 275 21.77 4.29 20.92
C HIS A 275 22.07 3.14 19.97
N ARG A 276 21.04 2.52 19.45
CA ARG A 276 21.28 1.29 18.64
C ARG A 276 21.57 1.61 17.17
N THR A 277 21.44 2.87 16.73
CA THR A 277 21.68 3.15 15.29
C THR A 277 23.19 3.12 15.03
N ARG A 278 23.62 2.38 14.03
CA ARG A 278 25.06 2.39 13.66
C ARG A 278 25.27 3.61 12.77
N LYS A 279 24.19 4.09 12.16
CA LYS A 279 24.28 5.31 11.33
C LYS A 279 24.38 6.51 12.27
N GLN A 280 25.52 6.65 12.95
CA GLN A 280 25.64 7.73 13.95
C GLN A 280 26.08 9.01 13.23
N LYS A 281 25.36 9.38 12.18
CA LYS A 281 25.74 10.56 11.37
C LYS A 281 24.63 11.59 11.44
N TYR A 282 23.39 11.13 11.62
CA TYR A 282 22.23 12.06 11.63
C TYR A 282 22.13 12.72 12.98
N PHE A 283 22.83 12.18 13.99
CA PHE A 283 22.64 12.74 15.32
C PHE A 283 23.88 13.49 15.79
N TYR A 284 23.67 14.30 16.84
CA TYR A 284 24.75 14.92 17.60
C TYR A 284 24.24 15.23 19.00
N LYS A 285 24.90 14.65 20.01
CA LYS A 285 24.61 14.92 21.41
C LYS A 285 23.13 14.64 21.70
N GLY A 286 22.61 13.54 21.12
CA GLY A 286 21.30 13.01 21.46
C GLY A 286 20.17 13.52 20.57
N GLY A 287 20.46 14.53 19.72
CA GLY A 287 19.47 15.16 18.88
C GLY A 287 19.80 15.06 17.38
N LEU A 288 18.77 15.19 16.55
CA LEU A 288 18.91 15.24 15.10
C LEU A 288 19.65 16.50 14.65
N VAL A 289 20.73 16.35 13.86
CA VAL A 289 21.36 17.52 13.27
C VAL A 289 20.37 18.14 12.29
N TRP A 290 20.06 19.43 12.45
CA TRP A 290 19.08 20.06 11.58
C TRP A 290 19.24 21.57 11.50
N ASP A 291 19.46 22.03 10.27
CA ASP A 291 19.63 23.43 9.93
C ASP A 291 18.25 24.07 9.66
N GLU A 292 17.65 24.62 10.72
CA GLU A 292 16.30 25.17 10.68
C GLU A 292 16.12 26.26 9.60
N ASN A 293 17.20 26.94 9.16
CA ASN A 293 17.07 28.04 8.20
C ASN A 293 17.78 27.68 6.90
N SER A 294 17.22 26.74 6.14
CA SER A 294 17.62 26.43 4.77
C SER A 294 16.37 26.30 3.88
N SER A 295 16.55 25.79 2.66
CA SER A 295 15.42 25.54 1.76
C SER A 295 14.56 24.41 2.33
N ASP A 296 15.24 23.33 2.76
CA ASP A 296 14.63 22.21 3.45
C ASP A 296 14.09 22.67 4.81
N GLY A 297 14.87 23.54 5.48
CA GLY A 297 14.50 24.02 6.79
C GLY A 297 13.15 24.74 6.77
N ARG A 298 12.96 25.55 5.71
CA ARG A 298 11.82 26.44 5.58
C ARG A 298 10.57 25.63 5.24
N TYR A 299 10.78 24.58 4.43
CA TYR A 299 9.70 23.74 3.98
C TYR A 299 9.10 23.03 5.18
N VAL A 300 9.99 22.48 6.02
CA VAL A 300 9.58 21.79 7.23
C VAL A 300 8.89 22.78 8.15
N LYS A 301 9.53 23.94 8.35
CA LYS A 301 8.98 24.97 9.22
C LYS A 301 7.58 25.39 8.75
N GLU A 302 7.37 25.54 7.45
CA GLU A 302 6.15 26.16 6.99
C GLU A 302 5.11 25.11 6.58
N ASN A 303 5.26 23.83 6.96
CA ASN A 303 4.33 22.79 6.50
C ASN A 303 4.17 21.62 7.47
N CYS A 304 5.21 21.25 8.21
CA CYS A 304 5.11 20.16 9.16
C CYS A 304 4.61 20.71 10.50
N LYS A 305 3.37 20.35 10.84
CA LYS A 305 2.75 20.74 12.10
C LYS A 305 2.44 19.46 12.89
N PRO A 306 2.20 19.53 14.21
CA PRO A 306 1.83 18.32 14.97
C PRO A 306 0.63 17.58 14.39
N LEU A 307 0.63 16.26 14.54
CA LEU A 307 -0.28 15.42 13.80
C LEU A 307 -1.72 15.87 13.97
N LYS A 308 -2.10 16.22 15.21
CA LYS A 308 -3.49 16.48 15.57
C LYS A 308 -4.00 17.67 14.77
N SER A 309 -3.08 18.55 14.36
CA SER A 309 -3.45 19.79 13.67
C SER A 309 -3.93 19.56 12.24
N TYR A 310 -3.88 18.33 11.73
CA TYR A 310 -4.29 18.03 10.36
C TYR A 310 -5.70 17.50 10.34
N MET A 311 -6.39 17.52 11.49
CA MET A 311 -7.80 17.15 11.52
C MET A 311 -8.60 18.20 10.74
N LEU A 312 -9.50 17.76 9.87
CA LEU A 312 -10.30 18.66 9.05
C LEU A 312 -11.51 19.17 9.82
N GLN A 313 -12.03 18.37 10.75
CA GLN A 313 -13.21 18.73 11.52
C GLN A 313 -12.99 18.46 13.00
N ASP A 314 -13.71 19.20 13.84
CA ASP A 314 -13.77 19.00 15.29
C ASP A 314 -14.96 18.08 15.59
N SER A 315 -14.70 16.77 15.67
CA SER A 315 -15.74 15.75 15.64
C SER A 315 -15.18 14.43 16.17
N LEU A 316 -16.00 13.64 16.86
CA LEU A 316 -15.57 12.41 17.50
C LEU A 316 -14.88 11.46 16.52
N GLU A 317 -15.48 11.18 15.36
CA GLU A 317 -14.96 10.12 14.50
C GLU A 317 -13.63 10.57 13.90
N HIS A 318 -13.45 11.87 13.68
CA HIS A 318 -12.15 12.36 13.26
C HIS A 318 -11.13 12.22 14.38
N VAL A 319 -11.55 12.39 15.64
CA VAL A 319 -10.59 12.30 16.73
C VAL A 319 -10.25 10.82 16.95
N GLN A 320 -11.27 9.96 16.94
CA GLN A 320 -11.01 8.53 16.95
C GLN A 320 -9.98 8.15 15.88
N LEU A 321 -10.08 8.71 14.66
CA LEU A 321 -9.20 8.29 13.58
C LEU A 321 -7.78 8.70 13.89
N PHE A 322 -7.59 9.89 14.48
CA PHE A 322 -6.25 10.38 14.75
C PHE A 322 -5.66 9.65 15.95
N ASP A 323 -6.53 9.11 16.79
CA ASP A 323 -6.07 8.34 17.92
C ASP A 323 -5.49 7.03 17.41
N LEU A 324 -6.20 6.35 16.50
CA LEU A 324 -5.67 5.14 15.91
C LEU A 324 -4.39 5.45 15.13
N MET A 325 -4.39 6.55 14.38
CA MET A 325 -3.22 6.95 13.60
C MET A 325 -2.04 7.20 14.53
N ARG A 326 -2.18 7.97 15.61
CA ARG A 326 -1.04 8.18 16.48
C ARG A 326 -0.54 6.85 17.02
N ARG A 327 -1.47 5.94 17.36
CA ARG A 327 -1.06 4.66 17.93
C ARG A 327 -0.42 3.78 16.86
N MET A 328 -0.77 3.98 15.59
CA MET A 328 -0.14 3.23 14.51
C MET A 328 1.24 3.77 14.17
N LEU A 329 1.49 5.04 14.51
CA LEU A 329 2.75 5.71 14.21
C LEU A 329 3.58 5.92 15.49
N GLU A 330 3.53 4.98 16.45
CA GLU A 330 4.49 4.98 17.54
C GLU A 330 5.88 4.69 16.96
N PHE A 331 6.85 5.51 17.34
CA PHE A 331 8.23 5.27 16.99
C PHE A 331 8.67 3.85 17.33
N ASP A 332 8.42 3.40 18.54
CA ASP A 332 9.02 2.16 19.00
C ASP A 332 8.18 1.01 18.49
N PRO A 333 8.68 0.16 17.58
CA PRO A 333 7.87 -0.93 17.04
C PRO A 333 7.30 -1.80 18.15
N ALA A 334 7.94 -1.77 19.32
CA ALA A 334 7.54 -2.63 20.41
C ALA A 334 6.37 -2.03 21.20
N GLN A 335 6.11 -0.73 21.04
CA GLN A 335 4.99 -0.12 21.73
C GLN A 335 3.93 0.31 20.72
N ARG A 336 4.07 -0.18 19.49
CA ARG A 336 3.18 0.19 18.40
C ARG A 336 1.99 -0.75 18.43
N ILE A 337 0.81 -0.25 18.08
CA ILE A 337 -0.40 -1.04 18.19
C ILE A 337 -0.25 -2.22 17.24
N THR A 338 -0.87 -3.35 17.59
CA THR A 338 -1.00 -4.44 16.64
C THR A 338 -2.29 -4.31 15.84
N LEU A 339 -2.36 -5.09 14.76
CA LEU A 339 -3.54 -5.07 13.90
C LEU A 339 -4.73 -5.66 14.62
N ALA A 340 -4.49 -6.55 15.59
CA ALA A 340 -5.57 -7.11 16.38
C ALA A 340 -6.14 -6.06 17.32
N GLU A 341 -5.26 -5.23 17.89
CA GLU A 341 -5.70 -4.24 18.86
C GLU A 341 -6.40 -3.10 18.12
N ALA A 342 -6.06 -2.87 16.85
CA ALA A 342 -6.64 -1.78 16.07
C ALA A 342 -8.03 -2.19 15.60
N LEU A 343 -8.16 -3.44 15.15
CA LEU A 343 -9.44 -3.98 14.74
C LEU A 343 -10.47 -3.90 15.86
N LEU A 344 -10.05 -3.53 17.07
CA LEU A 344 -10.97 -3.38 18.19
C LEU A 344 -10.98 -1.93 18.65
N HIS A 345 -10.46 -1.03 17.81
CA HIS A 345 -10.36 0.37 18.23
C HIS A 345 -11.71 1.03 17.99
N PRO A 346 -12.18 1.91 18.91
CA PRO A 346 -13.50 2.54 18.80
C PRO A 346 -13.80 3.08 17.40
N PHE A 347 -12.81 3.76 16.80
CA PHE A 347 -12.94 4.23 15.43
C PHE A 347 -13.79 3.30 14.58
N PHE A 348 -13.57 1.98 14.68
CA PHE A 348 -14.28 1.04 13.81
C PHE A 348 -15.70 0.74 14.31
N ALA A 349 -16.20 1.44 15.33
CA ALA A 349 -17.59 1.29 15.75
C ALA A 349 -18.53 1.66 14.60
N GLY A 350 -18.18 2.72 13.86
CA GLY A 350 -19.06 3.35 12.88
C GLY A 350 -19.22 2.58 11.56
N LEU A 351 -18.52 1.44 11.38
CA LEU A 351 -18.74 0.63 10.20
C LEU A 351 -20.21 0.28 10.11
N THR A 352 -20.78 0.38 8.89
CA THR A 352 -22.07 -0.25 8.64
C THR A 352 -21.94 -1.71 9.06
N PRO A 353 -23.01 -2.38 9.53
CA PRO A 353 -22.96 -3.84 9.69
C PRO A 353 -22.50 -4.61 8.45
N GLU A 354 -22.82 -4.12 7.25
CA GLU A 354 -22.48 -4.84 6.03
C GLU A 354 -20.97 -4.75 5.79
N GLU A 355 -20.39 -3.57 6.06
CA GLU A 355 -18.95 -3.37 5.97
C GLU A 355 -18.19 -4.32 6.88
N ARG A 356 -18.76 -4.64 8.05
CA ARG A 356 -18.14 -5.54 9.01
C ARG A 356 -17.80 -6.87 8.35
N SER A 357 -18.53 -7.25 7.28
CA SER A 357 -18.05 -8.22 6.30
C SER A 357 -18.82 -8.09 4.98
#